data_3G9I
#
_entry.id   3G9I
#
_cell.length_a   116.513
_cell.length_b   37.648
_cell.length_c   95.448
_cell.angle_alpha   90.00
_cell.angle_beta   123.08
_cell.angle_gamma   90.00
#
_symmetry.space_group_name_H-M   'C 1 2 1'
#
loop_
_entity.id
_entity.type
_entity.pdbx_description
1 polymer 'Glucocorticoid receptor'
2 polymer "DNA (5'-D(*TP*AP*GP*AP*AP*CP*AP*AP*AP*AP*TP*GP*TP*TP*CP*T)-3')"
3 polymer "DNA (5'-D(*AP*AP*GP*AP*AP*CP*AP*TP*TP*TP*TP*GP*TP*TP*CP*T)-3')"
4 non-polymer 'ZINC ION'
5 non-polymer 1,2-ETHANEDIOL
6 water water
#
loop_
_entity_poly.entity_id
_entity_poly.type
_entity_poly.pdbx_seq_one_letter_code
_entity_poly.pdbx_strand_id
1 'polypeptide(L)'
;GSHMCLVCSDEASGCHYGVLTCGSCKVFFKRAVEGQHNYLCAGRNDCIIDKIRRKNCPACRYRKCLQAGMNLEARKTKKK
IKGIQQATAG
;
A,B
2 'polydeoxyribonucleotide' (DT)(DA)(DG)(DA)(DA)(DC)(DA)(DA)(DA)(DA)(DT)(DG)(DT)(DT)(DC)(DT) D
3 'polydeoxyribonucleotide' (DA)(DA)(DG)(DA)(DA)(DC)(DA)(DT)(DT)(DT)(DT)(DG)(DT)(DT)(DC)(DT) C
#
loop_
_chem_comp.id
_chem_comp.type
_chem_comp.name
_chem_comp.formula
DA DNA linking 2'-DEOXYADENOSINE-5'-MONOPHOSPHATE 'C10 H14 N5 O6 P'
DC DNA linking 2'-DEOXYCYTIDINE-5'-MONOPHOSPHATE 'C9 H14 N3 O7 P'
DG DNA linking 2'-DEOXYGUANOSINE-5'-MONOPHOSPHATE 'C10 H14 N5 O7 P'
DT DNA linking THYMIDINE-5'-MONOPHOSPHATE 'C10 H15 N2 O8 P'
EDO non-polymer 1,2-ETHANEDIOL 'C2 H6 O2'
ZN non-polymer 'ZINC ION' 'Zn 2'
#
# COMPACT_ATOMS: atom_id res chain seq x y z
N SER A 2 2.64 27.57 -11.05
CA SER A 2 2.22 26.19 -10.84
C SER A 2 3.31 25.42 -10.11
N HIS A 3 2.98 24.88 -8.94
CA HIS A 3 3.93 24.10 -8.17
C HIS A 3 3.29 22.79 -7.71
N MET A 4 2.74 22.03 -8.65
CA MET A 4 1.97 20.85 -8.26
C MET A 4 2.42 19.60 -9.02
N CYS A 5 2.87 18.61 -8.25
CA CYS A 5 3.35 17.37 -8.82
C CYS A 5 2.29 16.81 -9.74
N LEU A 6 2.65 16.46 -10.96
CA LEU A 6 1.70 15.86 -11.90
C LEU A 6 1.33 14.41 -11.58
N VAL A 7 2.08 13.75 -10.71
CA VAL A 7 1.71 12.39 -10.37
C VAL A 7 0.86 12.36 -9.12
N CYS A 8 1.26 13.07 -8.07
CA CYS A 8 0.53 12.99 -6.79
C CYS A 8 -0.06 14.32 -6.29
N SER A 9 0.13 15.41 -7.02
CA SER A 9 -0.44 16.69 -6.60
C SER A 9 0.17 17.25 -5.32
N ASP A 10 1.27 16.66 -4.86
CA ASP A 10 2.03 17.25 -3.76
C ASP A 10 2.68 18.52 -4.33
N GLU A 11 3.41 19.30 -3.54
CA GLU A 11 4.08 20.47 -4.10
C GLU A 11 5.29 20.00 -4.87
N ALA A 12 5.47 20.49 -6.09
CA ALA A 12 6.51 19.96 -6.97
C ALA A 12 7.83 20.68 -6.76
N SER A 13 8.93 19.94 -6.89
CA SER A 13 10.25 20.51 -6.69
C SER A 13 10.97 20.83 -8.02
N GLY A 14 10.34 20.51 -9.14
CA GLY A 14 10.93 20.84 -10.42
C GLY A 14 10.60 19.81 -11.48
N CYS A 15 11.31 19.87 -12.59
CA CYS A 15 11.05 18.96 -13.69
C CYS A 15 11.98 17.78 -13.55
N HIS A 16 11.44 16.61 -13.26
CA HIS A 16 12.28 15.44 -13.14
C HIS A 16 11.94 14.39 -14.17
N TYR A 17 12.94 14.01 -14.96
CA TYR A 17 12.76 12.94 -15.91
C TYR A 17 11.64 13.30 -16.85
N GLY A 18 11.55 14.59 -17.16
CA GLY A 18 10.69 15.09 -18.22
C GLY A 18 9.40 15.67 -17.69
N VAL A 19 9.13 15.51 -16.39
CA VAL A 19 7.80 15.83 -15.86
C VAL A 19 7.87 16.63 -14.57
N LEU A 20 6.93 17.56 -14.42
CA LEU A 20 6.87 18.34 -13.19
C LEU A 20 6.44 17.41 -12.06
N THR A 21 7.32 17.15 -11.09
CA THR A 21 7.01 16.19 -10.02
C THR A 21 7.55 16.64 -8.66
N CYS A 22 7.14 15.97 -7.59
CA CYS A 22 7.74 16.23 -6.27
C CYS A 22 9.00 15.39 -6.13
N GLY A 23 9.75 15.61 -5.06
CA GLY A 23 11.00 14.89 -4.83
C GLY A 23 10.70 13.41 -4.59
N SER A 24 9.60 13.14 -3.89
CA SER A 24 9.30 11.77 -3.52
C SER A 24 8.90 10.93 -4.76
N CYS A 25 8.17 11.55 -5.69
CA CYS A 25 7.80 10.87 -6.95
C CYS A 25 9.00 10.72 -7.86
N LYS A 26 9.86 11.73 -7.88
CA LYS A 26 11.10 11.67 -8.62
C LYS A 26 11.90 10.40 -8.27
N VAL A 27 12.15 10.21 -6.97
CA VAL A 27 13.01 9.10 -6.56
C VAL A 27 12.29 7.76 -6.60
N PHE A 28 10.99 7.78 -6.38
CA PHE A 28 10.15 6.59 -6.50
C PHE A 28 10.26 6.04 -7.94
N PHE A 29 10.24 6.94 -8.91
CA PHE A 29 10.28 6.55 -10.33
C PHE A 29 11.61 5.96 -10.72
N LYS A 30 12.68 6.62 -10.33
CA LYS A 30 14.01 6.10 -10.57
C LYS A 30 14.17 4.70 -9.97
N ARG A 31 13.75 4.55 -8.72
CA ARG A 31 13.81 3.23 -8.08
C ARG A 31 12.98 2.17 -8.82
N ALA A 32 11.79 2.56 -9.27
CA ALA A 32 10.90 1.59 -9.93
C ALA A 32 11.53 1.07 -11.23
N VAL A 33 12.10 1.97 -12.00
CA VAL A 33 12.65 1.60 -13.29
C VAL A 33 13.96 0.82 -13.11
N GLU A 34 14.81 1.29 -12.21
CA GLU A 34 16.12 0.69 -12.06
C GLU A 34 16.07 -0.64 -11.33
N GLY A 35 15.19 -0.74 -10.34
CA GLY A 35 14.98 -2.01 -9.66
C GLY A 35 14.12 -2.87 -10.55
N GLN A 36 13.58 -2.24 -11.59
CA GLN A 36 12.64 -2.85 -12.52
C GLN A 36 11.56 -3.69 -11.86
N HIS A 37 11.15 -3.37 -10.63
CA HIS A 37 10.21 -4.25 -9.96
C HIS A 37 8.87 -4.24 -10.64
N ASN A 38 8.11 -5.28 -10.33
CA ASN A 38 6.79 -5.49 -10.89
C ASN A 38 5.75 -5.38 -9.83
N TYR A 39 5.00 -4.29 -9.89
CA TYR A 39 4.06 -3.98 -8.84
C TYR A 39 2.70 -4.54 -9.24
N LEU A 40 1.81 -4.78 -8.28
CA LEU A 40 0.45 -5.22 -8.61
C LEU A 40 -0.56 -4.38 -7.83
N CYS A 41 -1.57 -3.88 -8.55
CA CYS A 41 -2.65 -3.11 -7.94
C CYS A 41 -3.56 -4.05 -7.20
N ALA A 42 -4.07 -3.62 -6.04
CA ALA A 42 -5.07 -4.41 -5.30
C ALA A 42 -6.51 -3.96 -5.50
N GLY A 43 -6.72 -2.92 -6.32
CA GLY A 43 -8.05 -2.40 -6.60
C GLY A 43 -8.48 -2.74 -8.00
N ARG A 44 -8.45 -1.73 -8.87
CA ARG A 44 -9.05 -1.79 -10.21
C ARG A 44 -8.15 -1.10 -11.23
N ASN A 45 -6.87 -0.97 -10.92
CA ASN A 45 -5.90 -0.25 -11.76
C ASN A 45 -6.26 1.21 -11.94
N ASP A 46 -6.96 1.78 -10.96
CA ASP A 46 -7.35 3.17 -11.06
C ASP A 46 -7.33 3.84 -9.67
N CYS A 47 -6.34 3.50 -8.84
CA CYS A 47 -6.24 4.09 -7.48
C CYS A 47 -6.00 5.62 -7.52
N ILE A 48 -6.51 6.31 -6.50
CA ILE A 48 -6.26 7.75 -6.32
C ILE A 48 -4.83 7.94 -5.78
N ILE A 49 -4.02 8.74 -6.45
CA ILE A 49 -2.63 8.88 -6.05
C ILE A 49 -2.45 10.33 -5.57
N ASP A 50 -2.33 10.54 -4.26
CA ASP A 50 -2.19 11.89 -3.73
C ASP A 50 -1.17 11.85 -2.61
N LYS A 51 -0.88 12.99 -2.00
CA LYS A 51 0.28 13.06 -1.10
C LYS A 51 0.30 11.91 -0.13
N ILE A 52 -0.85 11.52 0.39
CA ILE A 52 -0.84 10.40 1.32
C ILE A 52 -1.11 9.04 0.63
N ARG A 53 -2.04 9.00 -0.31
CA ARG A 53 -2.37 7.70 -0.87
C ARG A 53 -1.29 7.16 -1.82
N ARG A 54 -0.32 7.98 -2.22
CA ARG A 54 0.65 7.53 -3.20
C ARG A 54 1.45 6.35 -2.63
N LYS A 55 1.51 6.25 -1.30
CA LYS A 55 2.25 5.15 -0.66
C LYS A 55 1.53 3.82 -0.84
N ASN A 56 0.22 3.87 -1.09
CA ASN A 56 -0.61 2.67 -1.10
C ASN A 56 -0.50 1.81 -2.34
N CYS A 57 -0.44 2.43 -3.50
CA CYS A 57 -0.38 1.64 -4.72
C CYS A 57 0.80 2.03 -5.64
N PRO A 58 1.96 1.40 -5.44
CA PRO A 58 3.14 1.60 -6.28
C PRO A 58 2.80 1.25 -7.72
N ALA A 59 1.92 0.29 -7.95
CA ALA A 59 1.53 -0.04 -9.33
C ALA A 59 0.85 1.17 -10.00
N CYS A 60 -0.14 1.80 -9.37
CA CYS A 60 -0.83 2.91 -10.00
C CYS A 60 0.03 4.14 -9.96
N ARG A 61 0.82 4.30 -8.90
CA ARG A 61 1.71 5.45 -8.89
C ARG A 61 2.69 5.37 -10.07
N TYR A 62 3.32 4.22 -10.24
CA TYR A 62 4.26 3.98 -11.32
C TYR A 62 3.58 4.19 -12.65
N ARG A 63 2.40 3.59 -12.84
CA ARG A 63 1.64 3.79 -14.09
C ARG A 63 1.44 5.27 -14.37
N LYS A 64 0.94 6.04 -13.42
CA LYS A 64 0.80 7.50 -13.61
C LYS A 64 2.11 8.19 -14.01
N CYS A 65 3.23 7.74 -13.45
CA CYS A 65 4.52 8.37 -13.81
C CYS A 65 4.74 8.17 -15.28
N LEU A 66 4.57 6.93 -15.74
CA LEU A 66 4.85 6.59 -17.13
C LEU A 66 3.87 7.30 -18.04
N GLN A 67 2.62 7.33 -17.61
CA GLN A 67 1.61 8.00 -18.42
C GLN A 67 1.84 9.51 -18.51
N ALA A 68 2.34 10.12 -17.44
CA ALA A 68 2.65 11.55 -17.44
C ALA A 68 3.88 11.86 -18.31
N GLY A 69 4.56 10.82 -18.76
CA GLY A 69 5.71 11.01 -19.64
C GLY A 69 7.07 10.88 -18.98
N MET A 70 7.15 10.41 -17.73
CA MET A 70 8.46 10.30 -17.07
C MET A 70 9.33 9.31 -17.81
N ASN A 71 10.60 9.68 -17.98
CA ASN A 71 11.58 8.88 -18.72
C ASN A 71 12.96 9.21 -18.17
N LEU A 72 13.68 8.20 -17.74
CA LEU A 72 14.97 8.44 -17.11
C LEU A 72 15.93 9.17 -18.05
N GLU A 73 15.79 8.96 -19.35
CA GLU A 73 16.64 9.66 -20.30
C GLU A 73 15.87 10.74 -21.01
N ALA A 74 15.21 11.59 -20.23
CA ALA A 74 14.44 12.68 -20.79
C ALA A 74 15.39 13.81 -21.19
N ARG A 75 16.41 14.00 -20.37
CA ARG A 75 17.39 15.05 -20.61
C ARG A 75 18.25 14.71 -21.82
N LYS A 76 18.74 13.47 -21.84
CA LYS A 76 19.61 12.98 -22.92
C LYS A 76 18.89 13.09 -24.26
N THR A 77 17.56 13.14 -24.20
CA THR A 77 16.77 13.38 -25.39
C THR A 77 16.73 14.87 -25.65
N LYS A 78 17.91 15.45 -25.80
CA LYS A 78 18.04 16.78 -26.37
C LYS A 78 18.65 16.56 -27.74
N LYS A 79 18.51 15.35 -28.27
CA LYS A 79 19.04 15.02 -29.57
C LYS A 79 18.57 16.05 -30.59
N LYS A 80 19.53 16.84 -31.09
CA LYS A 80 19.26 17.96 -32.00
C LYS A 80 17.90 18.60 -31.76
N SER B 2 -7.90 -25.55 9.54
CA SER B 2 -7.34 -24.99 8.32
C SER B 2 -5.86 -24.61 8.52
N HIS B 3 -5.31 -23.82 7.62
CA HIS B 3 -3.96 -23.31 7.81
C HIS B 3 -3.66 -22.12 6.89
N MET B 4 -4.70 -21.49 6.37
CA MET B 4 -4.60 -20.20 5.70
C MET B 4 -4.84 -19.07 6.69
N CYS B 5 -4.01 -18.04 6.66
CA CYS B 5 -4.36 -16.80 7.33
C CYS B 5 -5.73 -16.29 6.81
N LEU B 6 -6.65 -15.98 7.72
CA LEU B 6 -7.95 -15.50 7.33
C LEU B 6 -7.92 -14.06 6.86
N VAL B 7 -6.82 -13.34 7.10
CA VAL B 7 -6.74 -11.95 6.66
C VAL B 7 -6.11 -11.88 5.26
N CYS B 8 -5.00 -12.59 5.01
CA CYS B 8 -4.26 -12.35 3.77
C CYS B 8 -4.10 -13.64 2.97
N SER B 9 -4.51 -14.76 3.55
CA SER B 9 -4.38 -16.09 2.92
C SER B 9 -2.98 -16.67 2.83
N ASP B 10 -2.00 -15.99 3.39
CA ASP B 10 -0.69 -16.60 3.54
C ASP B 10 -0.83 -17.79 4.54
N GLU B 11 0.19 -18.61 4.68
CA GLU B 11 0.03 -19.71 5.63
C GLU B 11 -0.01 -19.21 7.09
N ALA B 12 -1.03 -19.67 7.82
CA ALA B 12 -1.19 -19.26 9.21
C ALA B 12 -0.05 -19.79 10.10
N SER B 13 0.39 -18.95 11.02
CA SER B 13 1.39 -19.34 11.98
C SER B 13 0.71 -19.80 13.26
N GLY B 14 -0.60 -19.65 13.35
CA GLY B 14 -1.29 -20.00 14.58
C GLY B 14 -2.49 -19.12 14.81
N CYS B 15 -3.11 -19.27 15.96
CA CYS B 15 -4.31 -18.52 16.25
C CYS B 15 -3.94 -17.28 17.07
N HIS B 16 -4.13 -16.10 16.48
CA HIS B 16 -3.68 -14.86 17.11
C HIS B 16 -4.86 -13.90 17.24
N TYR B 17 -4.99 -13.36 18.44
CA TYR B 17 -6.02 -12.40 18.74
C TYR B 17 -7.35 -12.98 18.31
N GLY B 18 -7.46 -14.30 18.41
CA GLY B 18 -8.75 -14.95 18.25
C GLY B 18 -8.94 -15.57 16.89
N VAL B 19 -7.99 -15.39 15.99
CA VAL B 19 -8.23 -15.73 14.59
C VAL B 19 -7.00 -16.39 14.01
N LEU B 20 -7.19 -17.38 13.16
CA LEU B 20 -6.04 -18.01 12.50
C LEU B 20 -5.38 -17.00 11.56
N THR B 21 -4.11 -16.65 11.78
CA THR B 21 -3.45 -15.69 10.89
C THR B 21 -2.01 -16.03 10.77
N CYS B 22 -1.35 -15.37 9.83
CA CYS B 22 0.07 -15.46 9.69
C CYS B 22 0.68 -14.51 10.72
N GLY B 23 2.00 -14.57 10.86
CA GLY B 23 2.74 -13.72 11.79
C GLY B 23 2.72 -12.25 11.36
N SER B 24 2.80 -11.98 10.06
CA SER B 24 2.83 -10.58 9.62
C SER B 24 1.48 -9.90 9.94
N CYS B 25 0.37 -10.63 9.78
CA CYS B 25 -0.95 -10.06 10.10
C CYS B 25 -1.15 -9.90 11.58
N LYS B 26 -0.58 -10.81 12.36
CA LYS B 26 -0.63 -10.70 13.83
C LYS B 26 -0.04 -9.38 14.32
N VAL B 27 1.17 -9.09 13.87
CA VAL B 27 1.88 -7.91 14.39
C VAL B 27 1.29 -6.65 13.71
N PHE B 28 0.74 -6.80 12.52
CA PHE B 28 0.09 -5.68 11.86
C PHE B 28 -1.14 -5.25 12.68
N PHE B 29 -1.95 -6.23 13.09
CA PHE B 29 -3.15 -5.91 13.84
C PHE B 29 -2.77 -5.32 15.20
N LYS B 30 -1.79 -5.93 15.86
CA LYS B 30 -1.30 -5.40 17.15
C LYS B 30 -0.93 -3.92 17.03
N ARG B 31 -0.15 -3.57 16.02
CA ARG B 31 0.29 -2.17 15.84
C ARG B 31 -0.86 -1.24 15.52
N ALA B 32 -1.78 -1.73 14.69
CA ALA B 32 -2.95 -0.93 14.30
C ALA B 32 -3.85 -0.66 15.48
N VAL B 33 -4.00 -1.66 16.35
CA VAL B 33 -4.93 -1.56 17.47
C VAL B 33 -4.34 -0.69 18.56
N GLU B 34 -3.03 -0.79 18.75
CA GLU B 34 -2.42 -0.05 19.86
C GLU B 34 -2.13 1.39 19.50
N GLY B 35 -2.02 1.67 18.22
CA GLY B 35 -1.76 3.03 17.82
C GLY B 35 -2.96 3.63 17.11
N GLN B 36 -2.63 4.56 16.24
CA GLN B 36 -3.59 5.14 15.35
C GLN B 36 -3.68 4.20 14.15
N HIS B 37 -4.83 4.22 13.51
CA HIS B 37 -4.97 3.51 12.26
C HIS B 37 -5.84 4.38 11.36
N ASN B 38 -5.46 5.65 11.25
CA ASN B 38 -6.12 6.63 10.38
C ASN B 38 -5.63 6.42 8.96
N TYR B 39 -5.94 5.28 8.39
CA TYR B 39 -5.35 4.88 7.13
C TYR B 39 -6.33 5.32 6.06
N LEU B 40 -5.87 5.52 4.84
CA LEU B 40 -6.76 5.97 3.79
C LEU B 40 -6.68 5.02 2.59
N CYS B 41 -7.80 4.44 2.21
CA CYS B 41 -7.81 3.57 1.02
C CYS B 41 -7.69 4.39 -0.28
N ALA B 42 -6.84 3.95 -1.20
CA ALA B 42 -6.72 4.68 -2.47
C ALA B 42 -7.69 4.11 -3.52
N GLY B 43 -8.36 3.01 -3.19
CA GLY B 43 -9.37 2.41 -4.08
C GLY B 43 -10.79 2.64 -3.54
N ARG B 44 -11.58 1.58 -3.34
CA ARG B 44 -13.00 1.74 -2.98
C ARG B 44 -13.30 0.94 -1.72
N ASN B 45 -12.35 0.90 -0.82
CA ASN B 45 -12.48 0.15 0.42
C ASN B 45 -12.78 -1.35 0.27
N ASP B 46 -12.33 -1.92 -0.82
CA ASP B 46 -12.44 -3.33 -0.95
C ASP B 46 -11.21 -3.89 -1.62
N CYS B 47 -10.03 -3.37 -1.27
CA CYS B 47 -8.82 -3.81 -1.92
C CYS B 47 -8.62 -5.25 -1.62
N ILE B 48 -8.07 -6.00 -2.57
CA ILE B 48 -7.73 -7.39 -2.36
C ILE B 48 -6.46 -7.52 -1.46
N ILE B 49 -6.55 -8.25 -0.33
CA ILE B 49 -5.43 -8.46 0.60
C ILE B 49 -4.98 -9.91 0.47
N ASP B 50 -3.90 -10.15 -0.30
CA ASP B 50 -3.23 -11.45 -0.36
C ASP B 50 -1.76 -11.30 0.00
N LYS B 51 -0.96 -12.33 -0.20
CA LYS B 51 0.39 -12.33 0.32
C LYS B 51 1.18 -11.14 -0.23
N ILE B 52 1.05 -10.92 -1.53
CA ILE B 52 1.82 -9.86 -2.19
C ILE B 52 1.19 -8.47 -2.00
N ARG B 53 -0.13 -8.43 -2.00
CA ARG B 53 -0.81 -7.12 -2.01
C ARG B 53 -1.16 -6.62 -0.62
N ARG B 54 -0.95 -7.42 0.40
CA ARG B 54 -1.32 -6.99 1.76
C ARG B 54 -0.55 -5.74 2.20
N LYS B 55 0.64 -5.52 1.62
CA LYS B 55 1.36 -4.27 1.90
C LYS B 55 0.70 -3.04 1.28
N ASN B 56 -0.14 -3.23 0.26
CA ASN B 56 -0.68 -2.09 -0.47
C ASN B 56 -1.60 -1.23 0.38
N CYS B 57 -2.61 -1.83 1.01
CA CYS B 57 -3.62 -1.00 1.64
C CYS B 57 -3.82 -1.35 3.12
N PRO B 58 -3.13 -0.60 4.01
CA PRO B 58 -3.34 -0.92 5.42
C PRO B 58 -4.80 -0.64 5.85
N ALA B 59 -5.53 0.30 5.24
CA ALA B 59 -6.92 0.52 5.68
C ALA B 59 -7.76 -0.75 5.44
N CYS B 60 -7.63 -1.30 4.26
CA CYS B 60 -8.41 -2.51 3.95
C CYS B 60 -7.87 -3.73 4.70
N ARG B 61 -6.55 -3.80 4.91
CA ARG B 61 -6.00 -4.93 5.66
C ARG B 61 -6.57 -4.90 7.06
N TYR B 62 -6.63 -3.70 7.64
CA TYR B 62 -7.12 -3.61 9.03
C TYR B 62 -8.63 -3.91 9.11
N ARG B 63 -9.35 -3.47 8.10
CA ARG B 63 -10.79 -3.82 7.99
C ARG B 63 -10.95 -5.34 7.94
N LYS B 64 -10.12 -6.01 7.16
CA LYS B 64 -10.18 -7.47 7.11
C LYS B 64 -9.82 -8.13 8.42
N CYS B 65 -8.88 -7.57 9.19
CA CYS B 65 -8.57 -8.11 10.53
C CYS B 65 -9.84 -8.00 11.38
N LEU B 66 -10.52 -6.87 11.30
CA LEU B 66 -11.70 -6.71 12.17
C LEU B 66 -12.81 -7.65 11.69
N GLN B 67 -13.02 -7.71 10.39
CA GLN B 67 -14.04 -8.63 9.86
C GLN B 67 -13.78 -10.09 10.22
N ALA B 68 -12.52 -10.50 10.23
CA ALA B 68 -12.19 -11.86 10.63
C ALA B 68 -12.51 -12.07 12.11
N GLY B 69 -12.66 -11.00 12.88
CA GLY B 69 -12.93 -11.18 14.30
C GLY B 69 -11.78 -10.89 15.26
N MET B 70 -10.67 -10.35 14.76
CA MET B 70 -9.50 -10.20 15.67
C MET B 70 -9.80 -9.20 16.77
N ASN B 71 -9.33 -9.48 17.98
CA ASN B 71 -9.51 -8.54 19.07
C ASN B 71 -8.43 -8.77 20.10
N LEU B 72 -7.92 -7.70 20.68
CA LEU B 72 -6.70 -7.79 21.46
C LEU B 72 -6.88 -8.68 22.69
N GLU B 73 -8.10 -8.73 23.19
CA GLU B 73 -8.35 -9.43 24.44
C GLU B 73 -8.88 -10.82 24.20
N ALA B 74 -8.67 -11.37 23.02
CA ALA B 74 -9.24 -12.69 22.71
C ALA B 74 -8.89 -13.73 23.82
N ARG B 75 -7.62 -13.81 24.23
CA ARG B 75 -7.24 -14.80 25.25
C ARG B 75 -8.05 -14.65 26.57
N LYS B 76 -7.99 -13.46 27.16
CA LYS B 76 -8.66 -13.15 28.45
C LYS B 76 -10.19 -13.24 28.32
N THR B 77 -10.69 -13.07 27.10
CA THR B 77 -12.12 -13.08 26.82
C THR B 77 -12.65 -14.50 26.76
N LYS B 78 -11.84 -15.37 26.18
CA LYS B 78 -12.15 -16.77 26.08
C LYS B 78 -12.02 -17.46 27.45
N LYS B 79 -11.24 -16.88 28.35
CA LYS B 79 -11.13 -17.36 29.72
C LYS B 79 -12.39 -17.05 30.52
N LYS B 80 -12.95 -15.85 30.30
CA LYS B 80 -14.21 -15.48 30.95
C LYS B 80 -15.32 -16.38 30.46
N ILE B 81 -15.44 -16.50 29.14
CA ILE B 81 -16.48 -17.33 28.52
C ILE B 81 -16.56 -18.73 29.14
N LYS B 82 -15.46 -19.19 29.73
CA LYS B 82 -15.42 -20.52 30.35
C LYS B 82 -15.75 -20.45 31.84
ZN ZN E . 4.51 13.49 -6.43
ZN ZN F . -3.83 0.66 -7.79
C1 EDO G . 0.38 -1.39 -13.48
O1 EDO G . -0.57 -1.85 -14.45
C2 EDO G . 1.46 -0.55 -14.17
O2 EDO G . 2.52 -0.29 -13.25
C1 EDO H . -16.72 -1.22 -6.70
O1 EDO H . -17.36 -2.27 -5.96
C2 EDO H . -17.62 -0.05 -7.12
O2 EDO H . -17.13 0.51 -8.35
ZN ZN I . -1.84 -12.79 6.98
ZN ZN J . -8.09 -0.32 0.21
C1 EDO K . -5.55 6.66 21.05
O1 EDO K . -6.31 6.92 19.84
C2 EDO K . -4.07 6.38 20.77
O2 EDO K . -3.78 5.00 20.58
#